data_7MBJ
#
_entry.id   7MBJ
#
_cell.length_a   39.198
_cell.length_b   41.855
_cell.length_c   48.312
_cell.angle_alpha   94.739
_cell.angle_beta   113.664
_cell.angle_gamma   114.027
#
_symmetry.space_group_name_H-M   'P 1'
#
loop_
_entity.id
_entity.type
_entity.pdbx_description
1 polymer 'cGMP-dependent protein kinase 1'
2 water water
#
_entity_poly.entity_id   1
_entity_poly.type   'polypeptide(L)'
_entity_poly.pdbx_seq_one_letter_code
;QAFRKFTKSERSKDLIKEAILDNDFMKNLELSQIQEIVDCMYPVEYGKDSCIIKEGDVGSLVYVMEDGKVEVTKEGVKLC
TMGPGKVFGELAILYNCTQTATVKTLVNVKLWAIDRQCFQTIMMRTGLIKHTEY
;
_entity_poly.pdbx_strand_id   A,B
#
# COMPACT_ATOMS: atom_id res chain seq x y z
N GLN A 1 -16.62 -6.43 3.91
CA GLN A 1 -15.77 -7.61 3.95
C GLN A 1 -14.63 -7.48 2.95
N ALA A 2 -13.90 -6.37 3.01
CA ALA A 2 -12.82 -6.11 2.09
C ALA A 2 -11.77 -7.22 2.17
N PHE A 3 -11.25 -7.60 1.00
CA PHE A 3 -10.25 -8.66 0.90
C PHE A 3 -9.64 -8.63 -0.50
N ARG A 4 -8.37 -9.02 -0.58
CA ARG A 4 -7.71 -9.12 -1.86
C ARG A 4 -6.49 -10.03 -1.72
N LYS A 5 -6.32 -10.96 -2.66
CA LYS A 5 -5.16 -11.84 -2.63
C LYS A 5 -4.03 -11.24 -3.44
N PHE A 6 -2.83 -11.23 -2.87
CA PHE A 6 -1.61 -10.79 -3.55
C PHE A 6 -0.70 -11.99 -3.74
N THR A 7 -0.30 -12.24 -4.97
CA THR A 7 0.54 -13.39 -5.28
C THR A 7 1.92 -13.17 -4.68
N LYS A 8 2.48 -14.21 -4.07
CA LYS A 8 3.77 -14.07 -3.39
C LYS A 8 4.49 -15.41 -3.34
N SER A 9 5.78 -15.36 -3.02
CA SER A 9 6.60 -16.58 -3.02
C SER A 9 6.26 -17.51 -1.85
N GLU A 10 6.62 -18.78 -2.02
CA GLU A 10 6.46 -19.75 -0.94
C GLU A 10 7.26 -19.36 0.29
N ARG A 11 8.49 -18.88 0.09
CA ARG A 11 9.28 -18.41 1.23
C ARG A 11 8.55 -17.30 1.97
N SER A 12 7.91 -16.38 1.25
CA SER A 12 7.21 -15.29 1.90
C SER A 12 5.99 -15.78 2.68
N LYS A 13 5.24 -16.74 2.12
N LYS A 13 5.24 -16.74 2.12
CA LYS A 13 4.13 -17.32 2.86
CA LYS A 13 4.12 -17.31 2.86
C LYS A 13 4.60 -17.95 4.15
C LYS A 13 4.60 -17.95 4.15
N ASP A 14 5.69 -18.72 4.09
CA ASP A 14 6.22 -19.37 5.29
C ASP A 14 6.66 -18.32 6.32
N LEU A 15 7.27 -17.23 5.85
CA LEU A 15 7.73 -16.18 6.76
C LEU A 15 6.55 -15.53 7.49
N ILE A 16 5.48 -15.22 6.76
CA ILE A 16 4.30 -14.62 7.39
C ILE A 16 3.69 -15.57 8.43
N LYS A 17 3.55 -16.84 8.06
CA LYS A 17 3.04 -17.82 9.01
CA LYS A 17 3.04 -17.84 9.00
C LYS A 17 3.91 -17.92 10.26
N GLU A 18 5.24 -17.99 10.09
CA GLU A 18 6.12 -18.05 11.26
C GLU A 18 5.95 -16.82 12.15
N ALA A 19 5.80 -15.65 11.52
CA ALA A 19 5.64 -14.44 12.31
C ALA A 19 4.35 -14.44 13.10
N ILE A 20 3.26 -14.90 12.49
CA ILE A 20 1.98 -15.01 13.18
C ILE A 20 2.08 -15.98 14.35
N LEU A 21 2.68 -17.15 14.11
CA LEU A 21 2.74 -18.20 15.14
C LEU A 21 3.73 -17.85 16.25
N ASP A 22 4.59 -16.87 16.02
CA ASP A 22 5.55 -16.46 17.02
C ASP A 22 5.03 -15.34 17.91
N ASN A 23 3.85 -14.80 17.62
CA ASN A 23 3.30 -13.67 18.35
C ASN A 23 2.11 -14.10 19.21
N ASP A 24 2.17 -13.77 20.50
CA ASP A 24 1.17 -14.28 21.41
C ASP A 24 -0.23 -13.74 21.12
N PHE A 25 -0.32 -12.59 20.46
CA PHE A 25 -1.65 -12.05 20.19
C PHE A 25 -2.27 -12.70 18.96
N MET A 26 -1.47 -13.32 18.12
CA MET A 26 -1.94 -13.86 16.85
CA MET A 26 -2.00 -13.86 16.88
C MET A 26 -1.82 -15.36 16.71
N LYS A 27 -1.07 -16.02 17.59
CA LYS A 27 -0.70 -17.40 17.30
C LYS A 27 -1.84 -18.41 17.50
N ASN A 28 -2.98 -18.01 18.05
CA ASN A 28 -4.09 -18.94 18.21
C ASN A 28 -5.15 -18.81 17.12
N LEU A 29 -4.89 -18.01 16.10
CA LEU A 29 -5.81 -17.91 14.97
C LEU A 29 -6.03 -19.26 14.33
N GLU A 30 -7.24 -19.46 13.83
CA GLU A 30 -7.50 -20.68 13.07
C GLU A 30 -6.67 -20.69 11.80
N LEU A 31 -6.35 -21.88 11.33
CA LEU A 31 -5.58 -22.02 10.10
C LEU A 31 -6.16 -21.23 8.95
N SER A 32 -7.50 -21.22 8.79
CA SER A 32 -8.11 -20.47 7.69
C SER A 32 -7.84 -18.98 7.81
N GLN A 33 -7.87 -18.44 9.03
CA GLN A 33 -7.54 -17.04 9.25
C GLN A 33 -6.08 -16.77 8.94
N ILE A 34 -5.18 -17.66 9.35
CA ILE A 34 -3.76 -17.52 9.05
C ILE A 34 -3.56 -17.43 7.54
N GLN A 35 -4.20 -18.32 6.80
CA GLN A 35 -4.05 -18.29 5.35
C GLN A 35 -4.65 -17.03 4.72
N GLU A 36 -5.78 -16.57 5.23
CA GLU A 36 -6.37 -15.34 4.71
C GLU A 36 -5.45 -14.15 4.94
N ILE A 37 -4.80 -14.09 6.10
CA ILE A 37 -3.84 -13.02 6.36
C ILE A 37 -2.69 -13.12 5.37
N VAL A 38 -2.14 -14.32 5.20
CA VAL A 38 -1.06 -14.53 4.24
C VAL A 38 -1.44 -13.99 2.87
N ASP A 39 -2.66 -14.29 2.42
CA ASP A 39 -3.09 -13.88 1.10
C ASP A 39 -3.28 -12.38 1.00
N CYS A 40 -3.81 -11.71 2.04
CA CYS A 40 -4.07 -10.28 1.97
CA CYS A 40 -4.03 -10.27 1.96
C CYS A 40 -2.82 -9.41 2.18
N MET A 41 -1.72 -9.98 2.59
CA MET A 41 -0.50 -9.23 2.80
CA MET A 41 -0.52 -9.20 2.80
C MET A 41 0.09 -8.81 1.46
N TYR A 42 0.64 -7.60 1.40
CA TYR A 42 1.28 -7.08 0.20
C TYR A 42 2.62 -6.47 0.59
N PRO A 43 3.54 -6.36 -0.36
CA PRO A 43 4.90 -5.96 0.00
C PRO A 43 5.03 -4.45 0.11
N VAL A 44 5.90 -3.98 1.02
CA VAL A 44 6.21 -2.57 1.17
C VAL A 44 7.71 -2.45 1.42
N GLU A 45 8.32 -1.40 0.93
CA GLU A 45 9.73 -1.12 1.14
C GLU A 45 9.87 0.26 1.77
N TYR A 46 10.76 0.41 2.75
CA TYR A 46 11.09 1.70 3.36
C TYR A 46 12.60 1.85 3.33
N GLY A 47 13.07 2.99 2.85
CA GLY A 47 14.48 3.27 2.90
C GLY A 47 14.99 3.45 4.33
N LYS A 48 16.30 3.31 4.46
CA LYS A 48 16.98 3.48 5.73
C LYS A 48 16.64 4.84 6.34
N ASP A 49 16.61 4.89 7.69
CA ASP A 49 16.25 6.09 8.49
C ASP A 49 14.85 6.62 8.21
N SER A 50 13.89 5.72 8.05
CA SER A 50 12.52 6.12 7.77
C SER A 50 11.60 5.60 8.85
N CYS A 51 10.72 6.46 9.34
CA CYS A 51 9.71 6.03 10.30
CA CYS A 51 9.71 6.05 10.30
C CYS A 51 8.58 5.32 9.57
N ILE A 52 8.33 4.08 9.96
CA ILE A 52 7.21 3.30 9.44
C ILE A 52 5.92 3.71 10.11
N ILE A 53 5.93 3.75 11.45
CA ILE A 53 4.82 4.27 12.24
C ILE A 53 5.41 5.11 13.36
N LYS A 54 4.63 6.05 13.83
CA LYS A 54 5.07 6.93 14.91
C LYS A 54 4.16 6.77 16.11
N GLU A 55 4.75 6.81 17.29
CA GLU A 55 3.97 6.78 18.51
C GLU A 55 2.94 7.90 18.51
N GLY A 56 1.72 7.56 18.91
CA GLY A 56 0.62 8.49 18.92
C GLY A 56 -0.24 8.48 17.68
N ASP A 57 0.17 7.80 16.62
CA ASP A 57 -0.61 7.79 15.38
C ASP A 57 -1.69 6.72 15.46
N VAL A 58 -2.76 6.92 14.69
CA VAL A 58 -3.80 5.91 14.51
C VAL A 58 -3.24 4.77 13.68
N GLY A 59 -3.72 3.55 13.95
CA GLY A 59 -3.25 2.37 13.22
C GLY A 59 -3.92 2.26 11.85
N SER A 60 -3.15 1.80 10.86
CA SER A 60 -3.72 1.58 9.53
C SER A 60 -3.31 0.24 8.92
N LEU A 61 -2.18 -0.34 9.32
CA LEU A 61 -1.70 -1.61 8.76
C LEU A 61 -1.13 -2.48 9.87
N VAL A 62 -1.10 -3.78 9.62
CA VAL A 62 -0.33 -4.71 10.45
C VAL A 62 0.86 -5.17 9.60
N TYR A 63 2.05 -5.17 10.18
CA TYR A 63 3.31 -5.34 9.47
C TYR A 63 4.03 -6.62 9.90
N VAL A 64 4.69 -7.29 8.96
CA VAL A 64 5.57 -8.42 9.21
C VAL A 64 6.89 -8.16 8.53
N MET A 65 7.99 -8.13 9.28
CA MET A 65 9.30 -7.86 8.71
C MET A 65 9.76 -8.99 7.80
N GLU A 66 10.31 -8.62 6.63
CA GLU A 66 10.86 -9.53 5.64
C GLU A 66 12.37 -9.43 5.51
N ASP A 67 12.94 -8.23 5.43
CA ASP A 67 14.38 -8.06 5.28
C ASP A 67 14.76 -6.75 5.94
N GLY A 68 15.95 -6.72 6.54
CA GLY A 68 16.40 -5.55 7.24
C GLY A 68 16.03 -5.56 8.70
N LYS A 69 16.19 -4.41 9.33
CA LYS A 69 16.05 -4.28 10.76
C LYS A 69 15.44 -2.94 11.08
N VAL A 70 14.54 -2.94 12.05
CA VAL A 70 13.92 -1.74 12.58
C VAL A 70 14.24 -1.64 14.06
N GLU A 71 14.22 -0.41 14.56
CA GLU A 71 14.32 -0.12 15.97
C GLU A 71 12.95 0.34 16.44
N VAL A 72 12.52 -0.17 17.58
CA VAL A 72 11.27 0.25 18.19
C VAL A 72 11.65 1.15 19.34
N THR A 73 11.10 2.36 19.36
CA THR A 73 11.46 3.31 20.41
C THR A 73 10.21 3.86 21.05
N LYS A 74 10.37 4.34 22.27
N LYS A 74 10.39 4.36 22.27
CA LYS A 74 9.33 5.06 22.97
CA LYS A 74 9.33 5.02 23.02
C LYS A 74 10.03 6.00 23.94
C LYS A 74 10.00 5.99 23.99
N GLU A 75 9.54 7.24 23.99
CA GLU A 75 10.11 8.26 24.87
C GLU A 75 11.63 8.35 24.73
N GLY A 76 12.09 8.12 23.50
CA GLY A 76 13.49 8.22 23.14
C GLY A 76 14.35 7.05 23.58
N VAL A 77 13.75 5.99 24.10
CA VAL A 77 14.50 4.83 24.57
C VAL A 77 14.32 3.74 23.53
N LYS A 78 15.42 3.09 23.15
CA LYS A 78 15.34 1.91 22.31
C LYS A 78 14.70 0.79 23.13
N LEU A 79 13.54 0.32 22.67
CA LEU A 79 12.86 -0.79 23.31
C LEU A 79 13.36 -2.13 22.79
N CYS A 80 13.64 -2.22 21.49
CA CYS A 80 14.24 -3.40 20.91
C CYS A 80 14.44 -3.17 19.41
N THR A 81 15.16 -4.11 18.81
CA THR A 81 15.22 -4.14 17.36
C THR A 81 14.51 -5.40 16.89
N MET A 82 14.03 -5.34 15.67
CA MET A 82 13.11 -6.30 15.10
C MET A 82 13.67 -6.62 13.72
N GLY A 83 13.89 -7.89 13.47
CA GLY A 83 14.33 -8.33 12.16
C GLY A 83 13.28 -9.21 11.53
N PRO A 84 13.68 -9.94 10.48
CA PRO A 84 12.74 -10.79 9.74
C PRO A 84 11.90 -11.69 10.63
N GLY A 85 10.62 -11.80 10.29
CA GLY A 85 9.74 -12.75 10.96
C GLY A 85 9.06 -12.21 12.18
N LYS A 86 9.13 -10.90 12.42
CA LYS A 86 8.49 -10.25 13.55
C LYS A 86 7.30 -9.40 13.10
N VAL A 87 6.19 -9.49 13.85
CA VAL A 87 5.01 -8.68 13.57
CA VAL A 87 4.97 -8.72 13.62
C VAL A 87 5.00 -7.45 14.46
N PHE A 88 4.45 -6.36 13.94
CA PHE A 88 4.20 -5.17 14.73
C PHE A 88 3.01 -4.41 14.14
N GLY A 89 2.42 -3.55 14.98
CA GLY A 89 1.29 -2.72 14.64
C GLY A 89 -0.06 -3.36 14.89
N GLU A 90 -0.10 -4.62 15.31
CA GLU A 90 -1.38 -5.29 15.48
C GLU A 90 -2.17 -4.74 16.67
N LEU A 91 -1.51 -4.21 17.72
CA LEU A 91 -2.25 -3.80 18.91
C LEU A 91 -3.12 -2.59 18.63
N ALA A 92 -2.61 -1.64 17.83
CA ALA A 92 -3.37 -0.44 17.52
C ALA A 92 -4.66 -0.80 16.81
N ILE A 93 -4.62 -1.82 15.96
CA ILE A 93 -5.82 -2.27 15.25
C ILE A 93 -6.72 -3.13 16.14
N LEU A 94 -6.14 -4.11 16.85
CA LEU A 94 -6.97 -5.00 17.66
C LEU A 94 -7.70 -4.23 18.75
N TYR A 95 -7.08 -3.20 19.31
CA TYR A 95 -7.63 -2.44 20.42
C TYR A 95 -8.07 -1.04 20.02
N ASN A 96 -8.13 -0.76 18.73
CA ASN A 96 -8.61 0.51 18.18
C ASN A 96 -8.04 1.70 18.95
N CYS A 97 -6.72 1.78 18.97
CA CYS A 97 -6.02 2.80 19.74
C CYS A 97 -4.80 3.28 18.96
N THR A 98 -4.11 4.25 19.52
CA THR A 98 -2.94 4.80 18.88
C THR A 98 -1.71 3.94 19.10
N GLN A 99 -0.70 4.16 18.26
CA GLN A 99 0.56 3.44 18.39
C GLN A 99 1.26 3.76 19.70
N THR A 100 1.65 2.70 20.42
CA THR A 100 2.39 2.89 21.66
C THR A 100 3.85 3.26 21.42
N ALA A 101 4.39 2.91 20.27
CA ALA A 101 5.82 3.04 20.03
C ALA A 101 6.09 3.41 18.57
N THR A 102 7.24 4.05 18.35
CA THR A 102 7.68 4.41 17.01
C THR A 102 8.52 3.28 16.46
N VAL A 103 8.40 3.03 15.16
CA VAL A 103 9.19 1.98 14.52
C VAL A 103 9.90 2.64 13.35
N LYS A 104 11.23 2.59 13.33
CA LYS A 104 12.06 3.29 12.37
C LYS A 104 13.08 2.34 11.78
N THR A 105 13.33 2.45 10.47
CA THR A 105 14.27 1.53 9.83
C THR A 105 15.72 1.92 10.17
N LEU A 106 16.54 0.90 10.39
CA LEU A 106 17.95 1.09 10.63
C LEU A 106 18.77 0.93 9.37
N VAL A 107 18.19 0.28 8.37
CA VAL A 107 18.76 -0.02 7.06
C VAL A 107 17.57 -0.07 6.11
N ASN A 108 17.80 -0.28 4.83
CA ASN A 108 16.68 -0.48 3.91
C ASN A 108 15.89 -1.70 4.36
N VAL A 109 14.57 -1.57 4.39
CA VAL A 109 13.70 -2.61 4.95
C VAL A 109 12.68 -3.01 3.90
N LYS A 110 12.40 -4.30 3.84
CA LYS A 110 11.25 -4.83 3.13
C LYS A 110 10.35 -5.50 4.15
N LEU A 111 9.04 -5.36 3.99
CA LEU A 111 8.09 -5.99 4.89
C LEU A 111 6.82 -6.36 4.15
N TRP A 112 5.91 -7.05 4.84
CA TRP A 112 4.58 -7.38 4.35
C TRP A 112 3.58 -6.63 5.20
N ALA A 113 2.59 -6.01 4.57
CA ALA A 113 1.56 -5.28 5.29
C ALA A 113 0.18 -5.79 4.91
N ILE A 114 -0.75 -5.73 5.84
CA ILE A 114 -2.15 -6.01 5.59
C ILE A 114 -2.96 -4.79 5.98
N ASP A 115 -3.85 -4.37 5.09
CA ASP A 115 -4.69 -3.24 5.40
C ASP A 115 -5.62 -3.55 6.56
N ARG A 116 -5.90 -2.51 7.35
CA ARG A 116 -6.77 -2.72 8.50
C ARG A 116 -8.13 -3.29 8.11
N GLN A 117 -8.69 -2.93 6.94
CA GLN A 117 -10.00 -3.46 6.58
C GLN A 117 -9.93 -4.96 6.36
N CYS A 118 -8.86 -5.44 5.71
CA CYS A 118 -8.73 -6.87 5.46
C CYS A 118 -8.48 -7.61 6.76
N PHE A 119 -7.63 -7.06 7.63
CA PHE A 119 -7.37 -7.66 8.93
C PHE A 119 -8.65 -7.75 9.74
N GLN A 120 -9.43 -6.66 9.76
CA GLN A 120 -10.72 -6.66 10.44
C GLN A 120 -11.67 -7.71 9.87
N THR A 121 -11.76 -7.83 8.53
CA THR A 121 -12.59 -8.85 7.88
C THR A 121 -12.25 -10.25 8.41
N ILE A 122 -10.95 -10.56 8.45
CA ILE A 122 -10.50 -11.90 8.85
C ILE A 122 -10.75 -12.15 10.33
N MET A 123 -10.50 -11.13 11.17
CA MET A 123 -10.66 -11.31 12.60
C MET A 123 -12.14 -11.49 12.95
N MET A 124 -13.03 -10.92 12.15
CA MET A 124 -14.47 -11.13 12.32
C MET A 124 -14.83 -12.58 11.99
N PHE B 3 -11.77 -10.76 -4.76
CA PHE B 3 -11.73 -9.35 -4.40
C PHE B 3 -13.10 -8.83 -3.96
N ARG B 4 -13.15 -8.29 -2.74
CA ARG B 4 -14.32 -7.60 -2.22
C ARG B 4 -13.96 -6.14 -1.94
N LYS B 5 -14.94 -5.26 -2.09
CA LYS B 5 -14.68 -3.83 -2.14
C LYS B 5 -14.20 -3.31 -0.79
N PHE B 6 -13.30 -2.33 -0.87
CA PHE B 6 -12.81 -1.63 0.30
C PHE B 6 -13.67 -0.39 0.52
N THR B 7 -14.14 -0.22 1.76
CA THR B 7 -14.88 0.96 2.15
C THR B 7 -13.99 2.19 2.02
N LYS B 8 -14.58 3.30 1.64
CA LYS B 8 -13.85 4.56 1.51
C LYS B 8 -14.58 5.66 2.27
N SER B 9 -13.80 6.50 2.95
CA SER B 9 -14.38 7.70 3.54
C SER B 9 -14.91 8.61 2.44
N GLU B 10 -15.77 9.55 2.81
CA GLU B 10 -16.28 10.48 1.82
C GLU B 10 -15.15 11.28 1.21
N ARG B 11 -14.15 11.65 2.01
CA ARG B 11 -13.00 12.38 1.47
C ARG B 11 -12.25 11.55 0.43
N SER B 12 -12.03 10.26 0.71
CA SER B 12 -11.35 9.39 -0.25
C SER B 12 -12.17 9.25 -1.52
N LYS B 13 -13.48 9.01 -1.39
CA LYS B 13 -14.34 8.89 -2.56
CA LYS B 13 -14.33 8.89 -2.57
C LYS B 13 -14.24 10.14 -3.43
N ASP B 14 -14.38 11.32 -2.81
CA ASP B 14 -14.34 12.56 -3.56
C ASP B 14 -12.98 12.76 -4.21
N LEU B 15 -11.90 12.48 -3.48
CA LEU B 15 -10.57 12.68 -4.01
C LEU B 15 -10.34 11.82 -5.25
N ILE B 16 -10.76 10.56 -5.19
CA ILE B 16 -10.56 9.67 -6.33
C ILE B 16 -11.40 10.13 -7.51
N LYS B 17 -12.68 10.46 -7.28
CA LYS B 17 -13.56 10.91 -8.35
C LYS B 17 -13.03 12.18 -9.00
N GLU B 18 -12.60 13.14 -8.18
N GLU B 18 -12.59 13.15 -8.19
CA GLU B 18 -12.08 14.40 -8.72
CA GLU B 18 -12.10 14.40 -8.75
C GLU B 18 -10.82 14.16 -9.55
C GLU B 18 -10.82 14.15 -9.56
N ALA B 19 -9.94 13.29 -9.06
CA ALA B 19 -8.71 12.99 -9.79
C ALA B 19 -9.02 12.40 -11.15
N ILE B 20 -10.00 11.50 -11.21
CA ILE B 20 -10.37 10.88 -12.49
C ILE B 20 -10.99 11.90 -13.42
N LEU B 21 -11.88 12.74 -12.89
CA LEU B 21 -12.47 13.77 -13.73
C LEU B 21 -11.49 14.85 -14.16
N ASP B 22 -10.32 14.92 -13.53
CA ASP B 22 -9.24 15.82 -13.95
C ASP B 22 -8.29 15.19 -14.95
N ASN B 23 -8.44 13.90 -15.23
CA ASN B 23 -7.53 13.20 -16.13
C ASN B 23 -8.02 13.33 -17.56
N ASP B 24 -7.09 13.73 -18.45
CA ASP B 24 -7.46 14.10 -19.81
C ASP B 24 -8.27 13.00 -20.50
N PHE B 25 -7.84 11.75 -20.38
CA PHE B 25 -8.63 10.68 -21.00
C PHE B 25 -9.78 10.21 -20.11
N MET B 26 -9.50 9.84 -18.85
CA MET B 26 -10.53 9.14 -18.11
C MET B 26 -11.74 9.98 -17.77
N LYS B 27 -11.65 11.31 -17.83
CA LYS B 27 -12.81 12.15 -17.62
CA LYS B 27 -12.82 12.13 -17.61
C LYS B 27 -13.89 11.88 -18.66
N ASN B 28 -13.54 11.25 -19.78
CA ASN B 28 -14.50 10.94 -20.83
C ASN B 28 -15.27 9.66 -20.61
N LEU B 29 -14.89 8.87 -19.61
CA LEU B 29 -15.69 7.70 -19.26
C LEU B 29 -16.99 8.17 -18.63
N GLU B 30 -18.00 7.31 -18.65
CA GLU B 30 -19.26 7.65 -18.01
C GLU B 30 -19.10 7.77 -16.51
N LEU B 31 -19.91 8.60 -15.87
CA LEU B 31 -19.84 8.75 -14.43
C LEU B 31 -20.05 7.40 -13.72
N SER B 32 -20.95 6.57 -14.25
CA SER B 32 -21.12 5.26 -13.61
C SER B 32 -19.90 4.36 -13.83
N GLN B 33 -19.18 4.49 -14.95
CA GLN B 33 -17.91 3.78 -15.09
C GLN B 33 -16.88 4.28 -14.09
N ILE B 34 -16.86 5.58 -13.83
CA ILE B 34 -15.94 6.13 -12.86
C ILE B 34 -16.22 5.57 -11.47
N GLN B 35 -17.50 5.44 -11.10
CA GLN B 35 -17.83 4.79 -9.83
C GLN B 35 -17.35 3.33 -9.79
N GLU B 36 -17.48 2.61 -10.90
CA GLU B 36 -16.98 1.24 -10.93
C GLU B 36 -15.47 1.20 -10.73
N ILE B 37 -14.75 2.18 -11.26
CA ILE B 37 -13.31 2.27 -11.01
C ILE B 37 -13.05 2.45 -9.53
N VAL B 38 -13.75 3.40 -8.92
CA VAL B 38 -13.62 3.60 -7.46
C VAL B 38 -13.86 2.29 -6.72
N ASP B 39 -14.92 1.56 -7.08
CA ASP B 39 -15.25 0.31 -6.39
C ASP B 39 -14.18 -0.76 -6.57
N CYS B 40 -13.43 -0.72 -7.66
CA CYS B 40 -12.34 -1.68 -7.90
C CYS B 40 -11.03 -1.25 -7.30
N MET B 41 -10.97 -0.06 -6.69
CA MET B 41 -9.70 0.37 -6.12
C MET B 41 -9.49 -0.12 -4.71
N TYR B 42 -8.23 -0.40 -4.42
CA TYR B 42 -7.83 -0.91 -3.11
C TYR B 42 -6.65 -0.08 -2.59
N PRO B 43 -6.51 0.02 -1.26
CA PRO B 43 -5.51 0.91 -0.67
C PRO B 43 -4.17 0.22 -0.55
N VAL B 44 -3.10 0.89 -0.95
CA VAL B 44 -1.75 0.36 -0.92
C VAL B 44 -0.82 1.43 -0.39
N GLU B 45 -0.01 1.08 0.61
CA GLU B 45 1.09 1.90 1.10
C GLU B 45 2.37 1.61 0.31
N TYR B 46 3.13 2.69 0.03
CA TYR B 46 4.51 2.60 -0.43
C TYR B 46 5.37 3.38 0.55
N GLY B 47 6.38 2.74 1.11
CA GLY B 47 7.22 3.41 2.09
C GLY B 47 8.12 4.45 1.45
N LYS B 48 8.58 5.37 2.30
CA LYS B 48 9.51 6.41 1.88
CA LYS B 48 9.52 6.41 1.91
C LYS B 48 10.71 5.80 1.18
N ASP B 49 11.12 6.45 0.08
CA ASP B 49 12.29 6.07 -0.69
C ASP B 49 12.10 4.70 -1.34
N SER B 50 10.94 4.50 -1.94
CA SER B 50 10.67 3.29 -2.70
C SER B 50 10.00 3.65 -4.02
N CYS B 51 10.07 2.73 -4.96
CA CYS B 51 9.58 2.99 -6.31
CA CYS B 51 9.61 2.96 -6.32
C CYS B 51 8.19 2.43 -6.50
N ILE B 52 7.29 3.26 -6.98
CA ILE B 52 5.95 2.86 -7.33
C ILE B 52 5.90 2.30 -8.75
N ILE B 53 6.49 3.06 -9.68
CA ILE B 53 6.57 2.73 -11.11
C ILE B 53 8.02 2.87 -11.53
N LYS B 54 8.48 1.96 -12.39
CA LYS B 54 9.82 2.04 -12.94
C LYS B 54 9.73 2.25 -14.44
N GLU B 55 10.48 3.24 -14.94
CA GLU B 55 10.45 3.51 -16.37
C GLU B 55 10.88 2.26 -17.13
N GLY B 56 10.24 2.05 -18.28
CA GLY B 56 10.52 0.91 -19.12
C GLY B 56 9.69 -0.31 -18.83
N ASP B 57 8.93 -0.32 -17.73
CA ASP B 57 8.11 -1.47 -17.39
C ASP B 57 6.79 -1.40 -18.12
N VAL B 58 6.16 -2.57 -18.25
CA VAL B 58 4.84 -2.65 -18.85
C VAL B 58 3.83 -1.98 -17.93
N GLY B 59 2.80 -1.37 -18.52
CA GLY B 59 1.74 -0.80 -17.70
C GLY B 59 1.06 -1.87 -16.85
N SER B 60 0.68 -1.49 -15.64
CA SER B 60 0.01 -2.48 -14.80
C SER B 60 -1.11 -1.87 -13.96
N LEU B 61 -0.78 -1.04 -12.99
CA LEU B 61 -1.77 -0.45 -12.11
CA LEU B 61 -1.77 -0.44 -12.13
C LEU B 61 -1.98 1.02 -12.48
N VAL B 62 -3.17 1.51 -12.20
CA VAL B 62 -3.47 2.93 -12.24
C VAL B 62 -3.67 3.38 -10.80
N TYR B 63 -3.12 4.53 -10.46
CA TYR B 63 -2.94 4.99 -9.09
C TYR B 63 -3.54 6.38 -8.89
N VAL B 64 -4.12 6.64 -7.72
CA VAL B 64 -4.42 7.99 -7.25
C VAL B 64 -3.89 8.06 -5.81
N MET B 65 -2.98 9.00 -5.52
CA MET B 65 -2.49 9.13 -4.15
CA MET B 65 -2.48 9.14 -4.17
C MET B 65 -3.47 9.87 -3.28
N GLU B 66 -3.60 9.41 -2.06
CA GLU B 66 -4.33 10.09 -1.01
CA GLU B 66 -4.34 10.09 -1.01
C GLU B 66 -3.44 10.92 -0.10
N ASP B 67 -2.25 10.41 0.26
CA ASP B 67 -1.34 11.11 1.15
CA ASP B 67 -1.34 11.11 1.15
C ASP B 67 0.08 10.89 0.67
N GLY B 68 0.89 11.91 0.80
CA GLY B 68 2.30 11.78 0.50
C GLY B 68 2.71 12.61 -0.70
N LYS B 69 3.91 12.32 -1.18
CA LYS B 69 4.50 13.09 -2.27
C LYS B 69 5.50 12.17 -2.97
N VAL B 70 5.60 12.30 -4.28
CA VAL B 70 6.50 11.48 -5.09
C VAL B 70 7.29 12.38 -6.04
N GLU B 71 8.43 11.89 -6.47
CA GLU B 71 9.25 12.50 -7.52
C GLU B 71 9.11 11.68 -8.79
N VAL B 72 9.01 12.37 -9.92
CA VAL B 72 8.92 11.73 -11.22
C VAL B 72 10.22 12.01 -11.94
N THR B 73 10.89 10.96 -12.41
CA THR B 73 12.18 11.10 -13.08
C THR B 73 12.19 10.30 -14.37
N LYS B 74 13.06 10.72 -15.28
CA LYS B 74 13.21 9.98 -16.52
C LYS B 74 14.68 10.06 -16.88
N GLU B 75 15.29 8.90 -17.09
CA GLU B 75 16.72 8.80 -17.36
C GLU B 75 17.55 9.49 -16.29
N GLY B 76 17.08 9.42 -15.04
CA GLY B 76 17.77 9.95 -13.89
C GLY B 76 17.60 11.44 -13.67
N VAL B 77 16.84 12.11 -14.52
CA VAL B 77 16.60 13.54 -14.41
C VAL B 77 15.21 13.77 -13.88
N LYS B 78 15.09 14.55 -12.80
CA LYS B 78 13.79 14.87 -12.24
C LYS B 78 12.97 15.70 -13.23
N LEU B 79 11.72 15.25 -13.48
CA LEU B 79 10.73 15.98 -14.27
C LEU B 79 9.84 16.87 -13.43
N CYS B 80 9.37 16.39 -12.29
CA CYS B 80 8.46 17.13 -11.43
CA CYS B 80 8.43 17.12 -11.45
C CYS B 80 8.21 16.32 -10.17
N THR B 81 7.43 16.87 -9.26
CA THR B 81 6.91 16.08 -8.15
C THR B 81 5.40 16.00 -8.34
N MET B 82 4.78 15.11 -7.59
CA MET B 82 3.34 14.90 -7.68
CA MET B 82 3.34 14.94 -7.66
C MET B 82 2.80 14.68 -6.27
N GLY B 83 1.61 15.23 -6.01
CA GLY B 83 0.98 15.06 -4.73
C GLY B 83 -0.34 14.33 -4.87
N PRO B 84 -1.15 14.36 -3.81
CA PRO B 84 -2.43 13.65 -3.83
C PRO B 84 -3.40 14.17 -4.89
N GLY B 85 -4.29 13.28 -5.29
CA GLY B 85 -5.40 13.67 -6.13
C GLY B 85 -5.11 13.70 -7.61
N LYS B 86 -4.07 13.01 -8.06
CA LYS B 86 -3.72 13.00 -9.48
C LYS B 86 -3.58 11.57 -9.97
N VAL B 87 -4.31 11.21 -11.02
CA VAL B 87 -4.16 9.87 -11.60
C VAL B 87 -2.79 9.75 -12.24
N PHE B 88 -2.13 8.61 -12.06
CA PHE B 88 -0.91 8.29 -12.79
C PHE B 88 -0.84 6.80 -13.09
N GLY B 89 0.03 6.46 -14.05
CA GLY B 89 0.21 5.11 -14.53
C GLY B 89 -0.68 4.72 -15.68
N GLU B 90 -1.66 5.55 -16.01
CA GLU B 90 -2.65 5.17 -17.02
C GLU B 90 -2.15 5.31 -18.46
N LEU B 91 -1.21 6.22 -18.72
CA LEU B 91 -0.83 6.47 -20.12
C LEU B 91 -0.20 5.24 -20.75
N ALA B 92 0.63 4.50 -19.99
CA ALA B 92 1.25 3.29 -20.54
C ALA B 92 0.19 2.27 -20.93
N ILE B 93 -0.87 2.16 -20.14
CA ILE B 93 -1.95 1.23 -20.45
C ILE B 93 -2.74 1.72 -21.66
N LEU B 94 -3.09 3.01 -21.68
CA LEU B 94 -3.92 3.55 -22.75
C LEU B 94 -3.24 3.44 -24.12
N TYR B 95 -1.92 3.63 -24.17
CA TYR B 95 -1.18 3.60 -25.44
C TYR B 95 -0.46 2.29 -25.67
N ASN B 96 -0.60 1.33 -24.77
CA ASN B 96 0.07 0.04 -24.90
C ASN B 96 1.57 0.22 -25.09
N CYS B 97 2.16 1.06 -24.24
CA CYS B 97 3.61 1.27 -24.25
CA CYS B 97 3.60 1.33 -24.23
C CYS B 97 4.17 1.05 -22.85
N THR B 98 5.49 0.99 -22.76
CA THR B 98 6.14 0.91 -21.47
C THR B 98 6.05 2.24 -20.71
N GLN B 99 6.22 2.17 -19.39
CA GLN B 99 6.21 3.39 -18.57
C GLN B 99 7.32 4.33 -18.99
N THR B 100 6.99 5.60 -19.15
CA THR B 100 8.04 6.51 -19.60
C THR B 100 8.87 7.08 -18.46
N ALA B 101 8.35 7.06 -17.24
CA ALA B 101 9.02 7.71 -16.12
C ALA B 101 9.00 6.81 -14.89
N THR B 102 9.99 7.01 -14.04
CA THR B 102 10.04 6.39 -12.73
C THR B 102 9.32 7.29 -11.76
N VAL B 103 8.55 6.70 -10.84
CA VAL B 103 7.85 7.43 -9.79
C VAL B 103 8.31 6.86 -8.45
N LYS B 104 8.95 7.69 -7.64
CA LYS B 104 9.56 7.25 -6.39
CA LYS B 104 9.56 7.25 -6.39
C LYS B 104 9.05 8.10 -5.25
N THR B 105 8.76 7.48 -4.12
CA THR B 105 8.20 8.23 -3.00
C THR B 105 9.28 9.07 -2.33
N LEU B 106 8.86 10.24 -1.84
CA LEU B 106 9.71 11.11 -1.04
C LEU B 106 9.44 10.98 0.46
N VAL B 107 8.26 10.47 0.80
CA VAL B 107 7.78 10.22 2.16
C VAL B 107 6.90 8.97 2.03
N ASN B 108 6.44 8.42 3.15
CA ASN B 108 5.44 7.35 3.06
C ASN B 108 4.23 7.84 2.26
N VAL B 109 3.69 6.96 1.43
CA VAL B 109 2.58 7.31 0.56
C VAL B 109 1.45 6.32 0.75
N LYS B 110 0.22 6.80 0.84
CA LYS B 110 -0.95 5.95 0.73
C LYS B 110 -1.62 6.24 -0.59
N LEU B 111 -1.88 5.22 -1.36
CA LEU B 111 -2.56 5.43 -2.62
C LEU B 111 -3.67 4.40 -2.80
N TRP B 112 -4.49 4.65 -3.81
CA TRP B 112 -5.58 3.80 -4.22
C TRP B 112 -5.19 3.27 -5.61
N ALA B 113 -5.26 1.95 -5.80
CA ALA B 113 -4.80 1.33 -7.03
C ALA B 113 -5.93 0.52 -7.64
N ILE B 114 -5.98 0.51 -8.95
CA ILE B 114 -6.82 -0.42 -9.69
C ILE B 114 -5.95 -1.22 -10.63
N ASP B 115 -6.18 -2.51 -10.68
CA ASP B 115 -5.37 -3.34 -11.56
CA ASP B 115 -5.40 -3.38 -11.57
C ASP B 115 -5.77 -3.16 -13.03
N ARG B 116 -4.80 -3.40 -13.90
CA ARG B 116 -5.01 -3.25 -15.35
C ARG B 116 -6.26 -3.97 -15.84
N GLN B 117 -6.47 -5.21 -15.40
CA GLN B 117 -7.59 -5.98 -15.94
C GLN B 117 -8.93 -5.38 -15.54
N CYS B 118 -9.07 -4.97 -14.26
CA CYS B 118 -10.32 -4.35 -13.83
C CYS B 118 -10.57 -3.06 -14.58
N PHE B 119 -9.53 -2.24 -14.70
CA PHE B 119 -9.63 -0.98 -15.45
C PHE B 119 -10.04 -1.22 -16.89
N GLN B 120 -9.35 -2.11 -17.58
CA GLN B 120 -9.65 -2.37 -18.99
C GLN B 120 -11.08 -2.91 -19.13
N THR B 121 -11.48 -3.83 -18.24
CA THR B 121 -12.83 -4.39 -18.30
C THR B 121 -13.88 -3.30 -18.14
N ILE B 122 -13.72 -2.44 -17.14
CA ILE B 122 -14.66 -1.33 -16.97
C ILE B 122 -14.73 -0.47 -18.21
N MET B 123 -13.57 -0.10 -18.79
CA MET B 123 -13.66 0.74 -19.99
C MET B 123 -14.40 0.07 -21.13
N MET B 124 -14.29 -1.25 -21.27
CA MET B 124 -14.96 -1.90 -22.39
C MET B 124 -16.44 -2.14 -22.18
N ARG B 125 -16.99 -1.73 -21.05
CA ARG B 125 -18.44 -1.83 -20.90
C ARG B 125 -19.13 -0.70 -21.64
N THR B 126 -20.45 -0.81 -21.76
CA THR B 126 -21.24 0.26 -22.32
C THR B 126 -21.70 1.15 -21.18
#